data_8G6A
#
_entry.id   8G6A
#
_cell.length_a   88.350
_cell.length_b   88.350
_cell.length_c   162.660
_cell.angle_alpha   90.00
_cell.angle_beta   90.00
_cell.angle_gamma   90.00
#
_symmetry.space_group_name_H-M   'P 43 21 2'
#
loop_
_entity.id
_entity.type
_entity.pdbx_description
1 polymer 'Tyrosine-protein phosphatase non-receptor type 1'
2 non-polymer {(2S)-4-[6-methyl-2-(trifluoromethyl)quinolin-4-yl]piperazin-2-yl}methanol
3 non-polymer {(2R)-4-[6-methyl-2-(trifluoromethyl)quinolin-4-yl]piperazin-2-yl}methanol
4 non-polymer 'TRIETHYLENE GLYCOL'
5 non-polymer 'MAGNESIUM ION'
6 non-polymer 'DIMETHYL SULFOXIDE'
7 water water
#
_entity_poly.entity_id   1
_entity_poly.type   'polypeptide(L)'
_entity_poly.pdbx_seq_one_letter_code
;MEMEKEFEQIDKSGSWAAIYQDIRHEASDFPCRVAKLPKNKNRNRYRDVSPFDHSRIKLHQEDNDYINASLIKMEEAQRS
YILTQGPLPNTCGHFWEMVWEQKSRGVVMLNRVMEKGSLKCAQYWPQKEEKEMIFEDTNLKLTLISEDIKSYYTVRQLEL
ENLTTQETREILHFHYTTWPDFGVPESPASFLNFLFKVRESGSLSPEHGPVVVHCSAGIGRSGTFCLADTCLLLMDKRKD
PSSVDIKKVLLEMRKFRMGLIQTADQLRFSYLAVIEGAKFIMGDSSVQDQWKELSHED
;
_entity_poly.pdbx_strand_id   A,B
#
# COMPACT_ATOMS: atom_id res chain seq x y z
N MET A 1 -20.01 -7.16 3.47
CA MET A 1 -18.97 -8.10 3.01
C MET A 1 -17.84 -7.31 2.31
N GLU A 2 -16.80 -6.98 3.08
CA GLU A 2 -15.56 -6.54 2.48
C GLU A 2 -15.10 -7.52 1.43
N MET A 3 -14.41 -6.87 0.53
CA MET A 3 -14.02 -7.56 -0.64
C MET A 3 -13.06 -8.67 -0.26
N GLU A 4 -12.27 -8.41 0.76
CA GLU A 4 -11.30 -9.35 1.26
C GLU A 4 -11.93 -10.65 1.75
N LYS A 5 -13.06 -10.49 2.44
CA LYS A 5 -13.80 -11.65 2.91
C LYS A 5 -14.40 -12.43 1.79
N GLU A 6 -14.94 -11.75 0.76
CA GLU A 6 -15.46 -12.43 -0.37
C GLU A 6 -14.35 -13.22 -1.09
N PHE A 7 -13.21 -12.57 -1.27
CA PHE A 7 -12.07 -13.14 -1.98
C PHE A 7 -11.66 -14.43 -1.22
N GLU A 8 -11.61 -14.38 0.05
CA GLU A 8 -11.21 -15.54 0.86
C GLU A 8 -12.17 -16.70 0.59
N GLN A 9 -13.48 -16.38 0.59
CA GLN A 9 -14.44 -17.41 0.26
C GLN A 9 -14.31 -18.05 -1.15
N ILE A 10 -14.09 -17.16 -2.13
CA ILE A 10 -13.96 -17.59 -3.52
C ILE A 10 -12.72 -18.50 -3.64
N ASP A 11 -11.68 -18.06 -2.97
CA ASP A 11 -10.41 -18.82 -3.03
C ASP A 11 -10.60 -20.18 -2.36
N LYS A 12 -11.23 -20.21 -1.20
CA LYS A 12 -11.42 -21.48 -0.54
C LYS A 12 -12.26 -22.44 -1.28
N SER A 13 -13.35 -21.95 -1.94
CA SER A 13 -14.22 -22.80 -2.66
C SER A 13 -13.66 -23.12 -4.07
N GLY A 14 -12.60 -22.46 -4.55
CA GLY A 14 -12.09 -22.64 -5.93
C GLY A 14 -13.14 -22.24 -6.96
N SER A 15 -13.92 -21.16 -6.71
CA SER A 15 -15.01 -20.82 -7.61
C SER A 15 -14.77 -19.70 -8.59
N TRP A 16 -13.50 -19.32 -8.78
CA TRP A 16 -13.21 -18.21 -9.71
C TRP A 16 -13.68 -18.50 -11.13
N ALA A 17 -13.53 -19.74 -11.57
CA ALA A 17 -13.99 -20.10 -12.91
C ALA A 17 -15.51 -19.98 -12.99
N ALA A 18 -16.20 -20.47 -11.98
CA ALA A 18 -17.74 -20.36 -11.98
C ALA A 18 -18.25 -18.90 -12.01
N ILE A 19 -17.59 -18.02 -11.23
CA ILE A 19 -17.98 -16.63 -11.14
C ILE A 19 -17.67 -15.95 -12.51
N TYR A 20 -16.51 -16.27 -13.11
CA TYR A 20 -16.09 -15.75 -14.37
C TYR A 20 -17.11 -16.18 -15.48
N GLN A 21 -17.47 -17.49 -15.49
CA GLN A 21 -18.43 -17.94 -16.48
C GLN A 21 -19.72 -17.28 -16.27
N ASP A 22 -20.18 -17.01 -15.05
CA ASP A 22 -21.42 -16.20 -14.81
C ASP A 22 -21.38 -14.85 -15.46
N ILE A 23 -20.24 -14.15 -15.30
CA ILE A 23 -20.05 -12.89 -16.00
C ILE A 23 -20.17 -13.03 -17.49
N ARG A 24 -19.54 -13.98 -18.10
CA ARG A 24 -19.69 -14.21 -19.52
C ARG A 24 -21.13 -14.41 -19.91
N HIS A 25 -21.83 -15.22 -19.14
CA HIS A 25 -23.25 -15.50 -19.45
CA HIS A 25 -23.30 -15.49 -19.43
C HIS A 25 -24.08 -14.20 -19.40
N GLU A 26 -23.78 -13.31 -18.47
CA GLU A 26 -24.61 -12.12 -18.26
C GLU A 26 -24.23 -10.92 -19.14
N ALA A 27 -23.05 -11.00 -19.77
CA ALA A 27 -22.53 -9.87 -20.48
C ALA A 27 -23.42 -9.45 -21.66
N SER A 28 -23.40 -8.15 -21.94
CA SER A 28 -24.08 -7.50 -23.05
C SER A 28 -23.65 -8.02 -24.38
N ASP A 29 -24.55 -8.01 -25.34
CA ASP A 29 -24.13 -8.29 -26.70
C ASP A 29 -24.83 -7.26 -27.52
N PHE A 30 -24.07 -6.60 -28.33
CA PHE A 30 -24.50 -5.55 -29.19
C PHE A 30 -23.85 -5.77 -30.57
N PRO A 31 -24.38 -5.15 -31.57
CA PRO A 31 -23.81 -5.41 -32.89
C PRO A 31 -22.46 -4.78 -33.14
N CYS A 32 -21.72 -5.47 -34.02
CA CYS A 32 -20.44 -4.97 -34.51
C CYS A 32 -20.41 -5.06 -36.02
N ARG A 33 -21.38 -4.45 -36.68
CA ARG A 33 -21.48 -4.51 -38.10
C ARG A 33 -20.25 -3.85 -38.83
N VAL A 34 -19.83 -2.68 -38.38
CA VAL A 34 -18.74 -2.01 -39.07
C VAL A 34 -17.51 -2.84 -39.00
N ALA A 35 -17.21 -3.39 -37.83
CA ALA A 35 -16.00 -4.22 -37.68
C ALA A 35 -15.98 -5.36 -38.67
N LYS A 36 -17.12 -5.90 -38.95
CA LYS A 36 -17.27 -7.02 -39.82
C LYS A 36 -17.34 -6.74 -41.32
N LEU A 37 -17.36 -5.52 -41.74
CA LEU A 37 -17.33 -5.22 -43.19
C LEU A 37 -16.10 -5.89 -43.83
N PRO A 38 -16.28 -6.42 -45.03
CA PRO A 38 -15.06 -6.94 -45.68
C PRO A 38 -13.88 -6.05 -45.74
N LYS A 39 -14.06 -4.75 -46.04
CA LYS A 39 -12.89 -3.96 -46.18
C LYS A 39 -12.13 -3.71 -44.85
N ASN A 40 -12.71 -4.11 -43.68
CA ASN A 40 -12.03 -3.95 -42.46
C ASN A 40 -11.39 -5.21 -41.90
N LYS A 41 -11.35 -6.25 -42.71
CA LYS A 41 -10.71 -7.47 -42.27
C LYS A 41 -9.25 -7.21 -41.83
N ASN A 42 -8.47 -6.45 -42.61
CA ASN A 42 -7.09 -6.23 -42.25
C ASN A 42 -6.86 -5.22 -41.19
N ARG A 43 -7.93 -4.67 -40.64
CA ARG A 43 -7.80 -3.78 -39.52
C ARG A 43 -8.11 -4.45 -38.16
N ASN A 44 -8.43 -5.73 -38.13
CA ASN A 44 -8.69 -6.43 -36.93
C ASN A 44 -7.62 -7.48 -36.69
N ARG A 45 -7.00 -7.43 -35.54
CA ARG A 45 -6.01 -8.44 -35.12
C ARG A 45 -6.66 -9.83 -34.93
N TYR A 46 -7.79 -9.85 -34.28
CA TYR A 46 -8.54 -11.14 -33.90
C TYR A 46 -9.99 -11.11 -34.41
N ARG A 47 -10.45 -12.16 -35.09
CA ARG A 47 -11.79 -12.06 -35.75
C ARG A 47 -12.89 -12.05 -34.68
N ASP A 48 -12.58 -12.57 -33.51
CA ASP A 48 -13.61 -12.68 -32.41
C ASP A 48 -13.52 -11.57 -31.33
N VAL A 49 -12.71 -10.50 -31.62
CA VAL A 49 -12.58 -9.30 -30.74
C VAL A 49 -12.87 -8.06 -31.58
N SER A 50 -14.08 -7.59 -31.50
CA SER A 50 -14.55 -6.45 -32.29
C SER A 50 -15.13 -5.40 -31.41
N PRO A 51 -15.06 -4.12 -31.78
CA PRO A 51 -15.72 -3.08 -31.05
C PRO A 51 -17.20 -3.09 -31.42
N PHE A 52 -18.06 -2.84 -30.43
CA PHE A 52 -19.48 -2.60 -30.72
C PHE A 52 -19.63 -1.36 -31.55
N ASP A 53 -20.60 -1.37 -32.44
CA ASP A 53 -20.88 -0.16 -33.17
C ASP A 53 -21.21 1.05 -32.34
N HIS A 54 -21.93 0.85 -31.26
CA HIS A 54 -22.36 2.04 -30.48
C HIS A 54 -21.26 2.84 -29.80
N SER A 55 -20.17 2.15 -29.44
CA SER A 55 -19.14 2.74 -28.66
C SER A 55 -17.81 2.84 -29.44
N ARG A 56 -17.81 2.45 -30.70
CA ARG A 56 -16.52 2.45 -31.40
C ARG A 56 -16.01 3.85 -31.60
N ILE A 57 -14.68 3.96 -31.69
CA ILE A 57 -14.03 5.27 -31.94
C ILE A 57 -14.02 5.38 -33.49
N LYS A 58 -14.49 6.50 -34.01
CA LYS A 58 -14.40 6.79 -35.44
C LYS A 58 -13.20 7.65 -35.74
N LEU A 59 -12.41 7.23 -36.70
CA LEU A 59 -11.35 8.09 -37.24
C LEU A 59 -12.01 9.25 -38.06
N HIS A 60 -11.42 10.44 -38.05
CA HIS A 60 -12.07 11.58 -38.67
C HIS A 60 -11.58 11.83 -40.08
N GLN A 61 -10.55 11.25 -40.56
CA GLN A 61 -10.23 11.33 -42.00
C GLN A 61 -11.39 10.51 -42.74
N GLU A 62 -11.99 11.04 -43.82
CA GLU A 62 -13.11 10.39 -44.60
C GLU A 62 -12.29 9.38 -45.44
N ASP A 63 -12.87 8.32 -46.02
CA ASP A 63 -11.89 7.27 -46.46
C ASP A 63 -12.50 6.03 -45.84
N ASN A 64 -12.07 5.75 -44.62
CA ASN A 64 -12.53 4.53 -43.91
C ASN A 64 -12.33 5.00 -42.48
N ASP A 65 -13.40 5.12 -41.71
CA ASP A 65 -13.32 5.59 -40.33
C ASP A 65 -12.99 4.53 -39.30
N TYR A 66 -12.70 3.33 -39.71
CA TYR A 66 -12.69 2.18 -38.79
C TYR A 66 -11.32 1.97 -38.09
N ILE A 67 -11.40 1.80 -36.75
CA ILE A 67 -10.27 1.35 -35.97
C ILE A 67 -10.88 0.41 -34.91
N ASN A 68 -10.13 -0.64 -34.58
CA ASN A 68 -10.64 -1.54 -33.51
C ASN A 68 -10.31 -0.90 -32.17
N ALA A 69 -11.26 -0.10 -31.71
CA ALA A 69 -11.11 0.71 -30.49
C ALA A 69 -12.50 1.11 -29.96
N SER A 70 -12.64 1.16 -28.64
CA SER A 70 -13.88 1.41 -28.00
C SER A 70 -13.79 2.47 -26.94
N LEU A 71 -14.74 3.37 -26.84
CA LEU A 71 -14.83 4.31 -25.77
C LEU A 71 -15.59 3.68 -24.59
N ILE A 72 -14.92 3.56 -23.45
CA ILE A 72 -15.51 3.04 -22.20
C ILE A 72 -15.77 4.28 -21.37
N LYS A 73 -17.04 4.60 -21.17
CA LYS A 73 -17.38 5.82 -20.48
C LYS A 73 -18.04 5.47 -19.15
N MET A 74 -17.38 5.68 -18.02
CA MET A 74 -17.87 5.26 -16.72
C MET A 74 -18.51 6.50 -16.06
N GLU A 75 -19.83 6.52 -16.00
CA GLU A 75 -20.55 7.72 -15.68
C GLU A 75 -20.45 8.03 -14.17
N GLU A 76 -20.62 7.05 -13.33
CA GLU A 76 -20.53 7.31 -11.86
C GLU A 76 -19.09 7.64 -11.48
N ALA A 77 -18.09 6.89 -12.03
CA ALA A 77 -16.69 7.18 -11.69
C ALA A 77 -16.13 8.42 -12.35
N GLN A 78 -16.82 8.97 -13.30
CA GLN A 78 -16.43 10.15 -14.08
C GLN A 78 -15.03 9.96 -14.78
N ARG A 79 -14.83 8.83 -15.39
CA ARG A 79 -13.59 8.64 -16.12
C ARG A 79 -13.98 7.94 -17.47
N SER A 80 -13.26 8.20 -18.53
CA SER A 80 -13.34 7.51 -19.76
C SER A 80 -12.02 6.94 -20.13
N TYR A 81 -12.08 5.84 -20.88
CA TYR A 81 -10.90 5.19 -21.39
C TYR A 81 -11.16 4.75 -22.84
N ILE A 82 -10.16 4.71 -23.71
CA ILE A 82 -10.26 4.05 -25.00
C ILE A 82 -9.50 2.77 -24.90
N LEU A 83 -10.15 1.66 -25.09
CA LEU A 83 -9.53 0.34 -25.13
C LEU A 83 -9.37 -0.07 -26.55
N THR A 84 -8.20 -0.48 -26.96
CA THR A 84 -7.91 -0.83 -28.36
C THR A 84 -7.01 -2.03 -28.40
N GLN A 85 -6.93 -2.64 -29.54
CA GLN A 85 -5.97 -3.68 -29.84
C GLN A 85 -4.60 -3.09 -30.01
N GLY A 86 -3.61 -3.93 -29.82
CA GLY A 86 -2.25 -3.59 -30.19
C GLY A 86 -2.19 -3.30 -31.66
N PRO A 87 -1.67 -2.15 -32.07
CA PRO A 87 -1.68 -1.86 -33.55
C PRO A 87 -1.02 -2.89 -34.39
N LEU A 88 -1.55 -3.04 -35.59
CA LEU A 88 -1.01 -3.90 -36.64
C LEU A 88 -0.05 -3.10 -37.43
N PRO A 89 0.82 -3.75 -38.23
CA PRO A 89 1.75 -2.96 -39.12
C PRO A 89 1.12 -1.96 -40.02
N ASN A 90 -0.14 -2.23 -40.43
CA ASN A 90 -0.90 -1.30 -41.21
C ASN A 90 -1.86 -0.41 -40.48
N THR A 91 -1.93 -0.48 -39.17
CA THR A 91 -2.87 0.39 -38.47
C THR A 91 -2.14 1.31 -37.44
N CYS A 92 -0.78 1.43 -37.55
CA CYS A 92 -0.08 2.30 -36.62
C CYS A 92 -0.41 3.75 -36.92
N GLY A 93 -0.57 4.14 -38.24
CA GLY A 93 -1.02 5.46 -38.47
C GLY A 93 -2.39 5.76 -38.00
N HIS A 94 -3.29 4.79 -38.11
CA HIS A 94 -4.68 4.98 -37.61
C HIS A 94 -4.64 5.12 -36.08
N PHE A 95 -3.79 4.34 -35.44
CA PHE A 95 -3.66 4.47 -34.00
C PHE A 95 -3.26 5.84 -33.51
N TRP A 96 -2.21 6.41 -34.12
CA TRP A 96 -1.79 7.74 -33.74
C TRP A 96 -2.77 8.80 -34.21
N GLU A 97 -3.50 8.58 -35.30
CA GLU A 97 -4.52 9.49 -35.71
C GLU A 97 -5.61 9.58 -34.64
N MET A 98 -5.94 8.41 -34.14
CA MET A 98 -6.92 8.29 -32.99
C MET A 98 -6.46 9.08 -31.79
N VAL A 99 -5.19 8.89 -31.42
CA VAL A 99 -4.64 9.59 -30.24
C VAL A 99 -4.68 11.16 -30.44
N TRP A 100 -4.36 11.57 -31.65
CA TRP A 100 -4.43 12.98 -32.04
C TRP A 100 -5.88 13.48 -31.95
N GLU A 101 -6.75 12.83 -32.67
CA GLU A 101 -8.14 13.33 -32.75
C GLU A 101 -8.89 13.33 -31.45
N GLN A 102 -8.60 12.33 -30.62
CA GLN A 102 -9.22 12.18 -29.30
C GLN A 102 -8.62 12.99 -28.20
N LYS A 103 -7.50 13.64 -28.52
CA LYS A 103 -6.80 14.55 -27.61
C LYS A 103 -6.31 13.84 -26.35
N SER A 104 -5.91 12.59 -26.50
CA SER A 104 -5.31 11.84 -25.47
C SER A 104 -3.93 12.33 -25.09
N ARG A 105 -3.67 12.29 -23.81
CA ARG A 105 -2.34 12.66 -23.25
C ARG A 105 -1.51 11.40 -22.94
N GLY A 106 -2.13 10.29 -22.74
CA GLY A 106 -1.45 9.06 -22.33
C GLY A 106 -1.81 7.88 -23.13
N VAL A 107 -0.86 6.96 -23.35
CA VAL A 107 -1.03 5.67 -23.90
C VAL A 107 -0.53 4.68 -22.87
N VAL A 108 -1.34 3.70 -22.53
CA VAL A 108 -0.97 2.62 -21.60
C VAL A 108 -0.81 1.30 -22.37
N MET A 109 0.34 0.67 -22.32
CA MET A 109 0.60 -0.57 -22.97
C MET A 109 0.94 -1.65 -21.98
N LEU A 110 0.26 -2.77 -22.06
CA LEU A 110 0.43 -3.80 -21.04
C LEU A 110 1.00 -5.12 -21.58
N ASN A 111 1.60 -5.12 -22.71
CA ASN A 111 2.22 -6.25 -23.33
C ASN A 111 3.65 -5.86 -23.81
N ARG A 112 4.37 -6.87 -24.25
CA ARG A 112 5.58 -6.69 -24.99
C ARG A 112 5.31 -6.99 -26.46
N VAL A 113 6.08 -6.40 -27.35
CA VAL A 113 5.85 -6.56 -28.78
C VAL A 113 5.93 -8.02 -29.23
N MET A 114 6.89 -8.72 -28.62
CA MET A 114 7.00 -10.16 -28.79
C MET A 114 6.86 -10.88 -27.48
N GLU A 115 5.99 -11.89 -27.43
CA GLU A 115 5.81 -12.74 -26.22
C GLU A 115 5.71 -14.23 -26.69
N LYS A 116 6.45 -15.15 -26.03
CA LYS A 116 6.47 -16.60 -26.40
C LYS A 116 6.80 -16.88 -27.89
N GLY A 117 7.62 -16.05 -28.47
CA GLY A 117 8.08 -16.26 -29.82
C GLY A 117 7.20 -15.62 -30.85
N SER A 118 6.19 -14.88 -30.42
CA SER A 118 5.11 -14.53 -31.33
C SER A 118 4.72 -13.02 -31.21
N LEU A 119 4.43 -12.36 -32.36
CA LEU A 119 4.19 -10.91 -32.44
C LEU A 119 2.85 -10.61 -31.86
N LYS A 120 2.82 -9.75 -30.88
CA LYS A 120 1.62 -9.34 -30.23
C LYS A 120 1.08 -7.93 -30.61
N CYS A 121 2.00 -7.12 -31.09
CA CYS A 121 1.81 -5.74 -31.32
C CYS A 121 2.88 -5.25 -32.27
N ALA A 122 2.58 -4.35 -33.20
CA ALA A 122 3.60 -3.75 -34.05
C ALA A 122 4.52 -2.76 -33.18
N GLN A 123 5.74 -2.46 -33.67
CA GLN A 123 6.60 -1.54 -32.95
C GLN A 123 6.12 -0.15 -33.40
N TYR A 124 5.14 0.39 -32.72
CA TYR A 124 4.44 1.58 -33.20
C TYR A 124 4.96 2.91 -32.66
N TRP A 125 6.08 2.87 -31.90
CA TRP A 125 6.75 4.07 -31.41
C TRP A 125 8.26 3.83 -31.70
N PRO A 126 8.98 4.95 -31.72
CA PRO A 126 10.44 4.93 -31.94
C PRO A 126 11.24 4.52 -30.75
N GLN A 127 12.20 3.66 -30.99
CA GLN A 127 13.09 3.14 -29.93
C GLN A 127 14.30 4.04 -29.75
N LYS A 128 14.56 4.86 -30.72
CA LYS A 128 15.72 5.77 -30.67
C LYS A 128 15.37 7.15 -30.96
N GLU A 129 15.90 8.08 -30.12
CA GLU A 129 15.62 9.50 -30.34
C GLU A 129 15.88 10.02 -31.75
N GLU A 130 16.99 9.58 -32.29
CA GLU A 130 17.42 10.07 -33.63
C GLU A 130 16.71 9.42 -34.78
N LYS A 131 15.84 8.46 -34.52
CA LYS A 131 15.16 7.73 -35.65
C LYS A 131 13.62 7.84 -35.45
N GLU A 132 13.14 8.99 -35.80
CA GLU A 132 11.69 9.27 -35.65
C GLU A 132 10.87 8.42 -36.65
N MET A 133 9.56 8.36 -36.36
CA MET A 133 8.66 7.63 -37.25
C MET A 133 7.77 8.65 -37.98
N ILE A 134 7.57 8.38 -39.29
CA ILE A 134 6.58 9.14 -40.04
C ILE A 134 5.44 8.22 -40.48
N PHE A 135 4.19 8.53 -40.16
CA PHE A 135 3.08 7.74 -40.68
C PHE A 135 2.50 8.47 -41.85
N GLU A 136 2.87 8.02 -43.02
CA GLU A 136 2.59 8.78 -44.25
C GLU A 136 1.13 8.82 -44.59
N ASP A 137 0.44 7.71 -44.28
CA ASP A 137 -1.03 7.64 -44.47
C ASP A 137 -1.86 8.68 -43.70
N THR A 138 -1.54 8.99 -42.47
CA THR A 138 -2.28 9.90 -41.64
C THR A 138 -1.52 11.25 -41.33
N ASN A 139 -0.39 11.44 -41.98
CA ASN A 139 0.39 12.63 -41.97
C ASN A 139 0.81 13.02 -40.58
N LEU A 140 1.40 12.06 -39.89
CA LEU A 140 1.84 12.28 -38.46
C LEU A 140 3.31 11.89 -38.27
N LYS A 141 3.99 12.67 -37.46
CA LYS A 141 5.39 12.38 -37.12
C LYS A 141 5.51 12.14 -35.61
N LEU A 142 6.23 11.13 -35.22
CA LEU A 142 6.41 10.78 -33.81
C LEU A 142 7.90 10.60 -33.43
N THR A 143 8.32 11.32 -32.37
CA THR A 143 9.71 11.34 -31.99
C THR A 143 9.82 10.91 -30.54
N LEU A 144 10.75 10.00 -30.20
CA LEU A 144 11.06 9.73 -28.84
C LEU A 144 11.87 10.90 -28.26
N ILE A 145 11.42 11.49 -27.19
CA ILE A 145 12.10 12.57 -26.47
C ILE A 145 12.97 12.09 -25.33
N SER A 146 12.43 11.14 -24.56
CA SER A 146 13.19 10.56 -23.42
C SER A 146 12.49 9.32 -22.93
N GLU A 147 13.24 8.47 -22.24
CA GLU A 147 12.58 7.42 -21.49
C GLU A 147 13.18 7.13 -20.18
N ASP A 148 12.40 6.61 -19.31
CA ASP A 148 12.78 6.32 -17.91
C ASP A 148 12.47 4.83 -17.74
N ILE A 149 13.51 3.99 -17.84
CA ILE A 149 13.30 2.54 -17.81
C ILE A 149 13.39 2.12 -16.34
N LYS A 150 12.40 1.46 -15.76
CA LYS A 150 12.55 0.88 -14.44
C LYS A 150 12.35 -0.57 -14.44
N SER A 151 12.40 -1.22 -13.26
CA SER A 151 12.35 -2.65 -13.19
C SER A 151 11.09 -3.27 -13.73
N TYR A 152 9.96 -2.64 -13.49
CA TYR A 152 8.71 -3.26 -13.86
C TYR A 152 7.95 -2.56 -15.01
N TYR A 153 8.37 -1.31 -15.34
CA TYR A 153 7.74 -0.57 -16.39
C TYR A 153 8.64 0.55 -16.85
N THR A 154 8.31 1.11 -17.98
CA THR A 154 9.02 2.15 -18.63
C THR A 154 8.07 3.33 -18.92
N VAL A 155 8.51 4.55 -18.75
CA VAL A 155 7.72 5.73 -19.07
C VAL A 155 8.46 6.47 -20.11
N ARG A 156 7.82 6.70 -21.27
CA ARG A 156 8.42 7.48 -22.34
C ARG A 156 7.73 8.74 -22.66
N GLN A 157 8.52 9.72 -22.99
CA GLN A 157 8.04 11.01 -23.42
C GLN A 157 8.12 11.05 -24.93
N LEU A 158 7.01 11.19 -25.65
CA LEU A 158 6.97 11.18 -27.11
C LEU A 158 6.48 12.55 -27.57
N GLU A 159 6.90 13.02 -28.73
CA GLU A 159 6.33 14.21 -29.37
C GLU A 159 5.61 13.75 -30.65
N LEU A 160 4.31 14.08 -30.70
CA LEU A 160 3.47 13.70 -31.84
C LEU A 160 3.19 14.98 -32.59
N GLU A 161 3.50 15.02 -33.86
CA GLU A 161 3.24 16.21 -34.70
C GLU A 161 2.31 15.92 -35.80
N ASN A 162 1.27 16.76 -35.92
CA ASN A 162 0.42 16.78 -37.13
C ASN A 162 1.14 17.51 -38.25
N LEU A 163 1.66 16.76 -39.20
CA LEU A 163 2.37 17.38 -40.30
C LEU A 163 1.49 18.32 -41.17
N THR A 164 0.18 18.23 -41.13
CA THR A 164 -0.71 19.11 -41.89
C THR A 164 -0.66 20.49 -41.33
N THR A 165 -0.54 20.67 -40.03
CA THR A 165 -0.63 21.96 -39.38
C THR A 165 0.69 22.31 -38.75
N GLN A 166 1.63 21.39 -38.55
CA GLN A 166 2.79 21.60 -37.71
C GLN A 166 2.50 21.77 -36.23
N GLU A 167 1.31 21.46 -35.75
CA GLU A 167 1.03 21.50 -34.32
CA GLU A 167 1.03 21.49 -34.30
C GLU A 167 1.71 20.26 -33.71
N THR A 168 2.25 20.41 -32.50
CA THR A 168 2.85 19.30 -31.77
C THR A 168 2.27 19.12 -30.43
N ARG A 169 2.34 17.89 -29.94
CA ARG A 169 1.82 17.55 -28.62
C ARG A 169 2.73 16.56 -27.89
N GLU A 170 2.89 16.67 -26.60
CA GLU A 170 3.60 15.66 -25.84
C GLU A 170 2.66 14.55 -25.44
N ILE A 171 3.03 13.32 -25.74
CA ILE A 171 2.28 12.16 -25.37
C ILE A 171 3.09 11.27 -24.43
N LEU A 172 2.52 10.82 -23.28
CA LEU A 172 3.26 9.98 -22.39
C LEU A 172 2.87 8.51 -22.61
N HIS A 173 3.90 7.67 -22.79
CA HIS A 173 3.72 6.28 -23.08
C HIS A 173 4.06 5.46 -21.81
N PHE A 174 3.07 4.84 -21.16
CA PHE A 174 3.28 4.05 -19.95
C PHE A 174 3.31 2.61 -20.33
N HIS A 175 4.44 1.97 -20.21
CA HIS A 175 4.64 0.60 -20.74
C HIS A 175 4.93 -0.39 -19.62
N TYR A 176 3.97 -1.20 -19.27
CA TYR A 176 4.19 -2.22 -18.29
C TYR A 176 4.86 -3.40 -18.91
N THR A 177 6.14 -3.63 -18.52
CA THR A 177 6.96 -4.51 -19.33
C THR A 177 7.13 -5.91 -18.81
N THR A 178 6.53 -6.17 -17.66
CA THR A 178 6.79 -7.40 -16.94
C THR A 178 5.55 -8.30 -16.67
N TRP A 179 4.50 -8.18 -17.45
CA TRP A 179 3.37 -9.10 -17.30
C TRP A 179 3.88 -10.46 -17.78
N PRO A 180 3.65 -11.50 -17.03
CA PRO A 180 4.20 -12.79 -17.43
C PRO A 180 3.68 -13.33 -18.73
N ASP A 181 4.46 -14.20 -19.35
CA ASP A 181 4.01 -14.79 -20.63
C ASP A 181 2.74 -15.66 -20.43
N PHE A 182 2.66 -16.30 -19.29
CA PHE A 182 1.49 -17.11 -18.96
C PHE A 182 0.92 -16.60 -17.67
N GLY A 183 -0.37 -16.58 -17.58
CA GLY A 183 -1.09 -16.19 -16.35
C GLY A 183 -1.00 -14.69 -16.03
N VAL A 184 -1.00 -14.40 -14.73
CA VAL A 184 -1.03 -13.03 -14.24
C VAL A 184 0.06 -12.82 -13.25
N PRO A 185 0.42 -11.55 -12.94
CA PRO A 185 1.41 -11.39 -11.85
C PRO A 185 1.00 -11.95 -10.56
N GLU A 186 1.94 -12.61 -9.85
CA GLU A 186 1.69 -13.14 -8.50
CA GLU A 186 1.76 -13.13 -8.48
C GLU A 186 1.22 -12.12 -7.45
N SER A 187 1.76 -10.92 -7.53
CA SER A 187 1.43 -9.81 -6.67
C SER A 187 1.06 -8.64 -7.57
N PRO A 188 0.07 -7.84 -7.19
CA PRO A 188 -0.28 -6.68 -7.90
C PRO A 188 0.51 -5.46 -7.52
N ALA A 189 1.52 -5.59 -6.67
CA ALA A 189 2.20 -4.36 -6.23
C ALA A 189 2.77 -3.52 -7.39
N SER A 190 3.46 -4.14 -8.33
CA SER A 190 4.02 -3.38 -9.45
C SER A 190 2.99 -2.78 -10.39
N PHE A 191 1.92 -3.56 -10.63
CA PHE A 191 0.75 -3.07 -11.42
C PHE A 191 0.18 -1.84 -10.79
N LEU A 192 0.06 -1.87 -9.46
CA LEU A 192 -0.46 -0.73 -8.71
C LEU A 192 0.44 0.47 -8.76
N ASN A 193 1.74 0.25 -8.59
CA ASN A 193 2.72 1.37 -8.71
C ASN A 193 2.61 1.95 -10.10
N PHE A 194 2.46 1.09 -11.11
CA PHE A 194 2.24 1.59 -12.53
C PHE A 194 1.05 2.45 -12.62
N LEU A 195 -0.12 1.90 -12.14
CA LEU A 195 -1.33 2.67 -12.17
C LEU A 195 -1.17 4.03 -11.48
N PHE A 196 -0.53 4.04 -10.31
CA PHE A 196 -0.32 5.29 -9.64
C PHE A 196 0.53 6.29 -10.41
N LYS A 197 1.53 5.80 -11.11
CA LYS A 197 2.29 6.71 -12.04
C LYS A 197 1.43 7.27 -13.13
N VAL A 198 0.53 6.42 -13.73
CA VAL A 198 -0.35 7.01 -14.73
C VAL A 198 -1.20 8.07 -14.13
N ARG A 199 -1.82 7.78 -12.97
CA ARG A 199 -2.63 8.74 -12.38
C ARG A 199 -1.90 10.07 -12.11
N GLU A 200 -0.76 9.94 -11.48
CA GLU A 200 -0.05 11.12 -11.09
C GLU A 200 0.40 11.98 -12.24
N SER A 201 0.60 11.40 -13.41
CA SER A 201 0.94 12.18 -14.64
C SER A 201 -0.13 13.16 -15.10
N GLY A 202 -1.37 12.99 -14.65
CA GLY A 202 -2.48 13.76 -15.17
C GLY A 202 -3.13 13.25 -16.42
N SER A 203 -2.63 12.14 -16.91
CA SER A 203 -3.15 11.56 -18.14
C SER A 203 -4.59 11.09 -18.11
N LEU A 204 -5.16 10.93 -16.91
CA LEU A 204 -6.49 10.36 -16.70
C LEU A 204 -7.41 11.44 -16.31
N SER A 205 -6.91 12.68 -16.23
CA SER A 205 -7.73 13.77 -15.85
C SER A 205 -8.74 14.18 -16.94
N PRO A 206 -9.83 14.83 -16.52
CA PRO A 206 -10.83 15.24 -17.47
C PRO A 206 -10.42 16.35 -18.37
N GLU A 207 -9.39 17.09 -18.08
CA GLU A 207 -8.92 18.11 -19.06
C GLU A 207 -8.33 17.50 -20.36
N HIS A 208 -7.99 16.22 -20.38
CA HIS A 208 -7.48 15.59 -21.60
C HIS A 208 -8.56 14.68 -22.16
N GLY A 209 -8.30 14.13 -23.34
CA GLY A 209 -9.04 13.07 -23.86
C GLY A 209 -8.77 11.82 -23.14
N PRO A 210 -9.56 10.79 -23.42
CA PRO A 210 -9.38 9.52 -22.71
C PRO A 210 -8.05 8.93 -22.98
N VAL A 211 -7.48 8.36 -21.94
CA VAL A 211 -6.29 7.54 -22.09
C VAL A 211 -6.51 6.41 -23.04
N VAL A 212 -5.53 6.01 -23.84
CA VAL A 212 -5.62 4.90 -24.67
C VAL A 212 -4.94 3.73 -24.14
N VAL A 213 -5.67 2.63 -23.90
CA VAL A 213 -5.10 1.46 -23.23
C VAL A 213 -5.14 0.31 -24.17
N HIS A 214 -4.05 -0.47 -24.26
CA HIS A 214 -4.01 -1.66 -25.07
C HIS A 214 -3.15 -2.75 -24.48
N CYS A 215 -3.39 -3.96 -24.98
CA CYS A 215 -2.54 -5.10 -24.83
C CYS A 215 -2.48 -5.69 -26.23
N SER A 216 -2.58 -6.96 -26.38
CA SER A 216 -2.69 -7.48 -27.72
C SER A 216 -4.09 -7.30 -28.36
N ALA A 217 -5.09 -7.90 -27.81
CA ALA A 217 -6.52 -7.73 -28.23
C ALA A 217 -7.24 -6.53 -27.57
N GLY A 218 -6.72 -5.99 -26.49
CA GLY A 218 -7.35 -4.77 -25.86
C GLY A 218 -8.58 -5.15 -25.04
N ILE A 219 -8.59 -6.36 -24.48
CA ILE A 219 -9.69 -6.74 -23.63
C ILE A 219 -9.28 -7.46 -22.33
N GLY A 220 -8.18 -8.19 -22.34
CA GLY A 220 -7.78 -8.95 -21.09
C GLY A 220 -6.99 -8.13 -20.05
N ARG A 221 -5.74 -8.01 -20.31
CA ARG A 221 -4.93 -7.20 -19.44
C ARG A 221 -5.42 -5.77 -19.43
N SER A 222 -5.87 -5.27 -20.58
CA SER A 222 -6.39 -3.93 -20.62
C SER A 222 -7.62 -3.73 -19.76
N GLY A 223 -8.50 -4.75 -19.77
CA GLY A 223 -9.61 -4.76 -18.92
C GLY A 223 -9.24 -4.71 -17.44
N THR A 224 -8.19 -5.41 -17.05
CA THR A 224 -7.75 -5.34 -15.60
C THR A 224 -7.40 -3.94 -15.20
N PHE A 225 -6.73 -3.23 -16.13
CA PHE A 225 -6.21 -1.86 -15.80
C PHE A 225 -7.42 -0.94 -15.58
N CYS A 226 -8.36 -0.93 -16.52
CA CYS A 226 -9.49 -0.03 -16.42
CA CYS A 226 -9.50 -0.03 -16.41
C CYS A 226 -10.41 -0.47 -15.24
N LEU A 227 -10.58 -1.81 -15.08
CA LEU A 227 -11.48 -2.29 -13.97
C LEU A 227 -10.92 -1.89 -12.63
N ALA A 228 -9.60 -2.06 -12.43
CA ALA A 228 -8.98 -1.74 -11.15
C ALA A 228 -9.04 -0.24 -10.90
N ASP A 229 -8.79 0.57 -11.92
CA ASP A 229 -8.78 2.05 -11.77
C ASP A 229 -10.18 2.52 -11.44
N THR A 230 -11.16 2.03 -12.17
CA THR A 230 -12.55 2.48 -11.89
C THR A 230 -12.97 2.03 -10.55
N CYS A 231 -12.69 0.77 -10.19
CA CYS A 231 -13.29 0.32 -8.84
C CYS A 231 -12.63 1.18 -7.78
N LEU A 232 -11.33 1.44 -7.89
CA LEU A 232 -10.62 2.30 -6.87
C LEU A 232 -11.18 3.72 -6.85
N LEU A 233 -11.54 4.28 -7.96
CA LEU A 233 -12.17 5.60 -7.95
C LEU A 233 -13.55 5.49 -7.24
N LEU A 234 -14.33 4.45 -7.58
CA LEU A 234 -15.66 4.34 -6.94
C LEU A 234 -15.49 4.23 -5.42
N MET A 235 -14.52 3.45 -4.95
CA MET A 235 -14.22 3.30 -3.50
C MET A 235 -13.92 4.60 -2.85
N ASP A 236 -13.15 5.45 -3.46
CA ASP A 236 -12.86 6.73 -2.86
C ASP A 236 -14.00 7.70 -2.93
N LYS A 237 -14.87 7.57 -3.89
CA LYS A 237 -15.98 8.51 -4.06
C LYS A 237 -17.14 8.10 -3.16
N ARG A 238 -17.39 6.82 -2.95
CA ARG A 238 -18.61 6.42 -2.26
C ARG A 238 -18.39 6.48 -0.73
N LYS A 239 -19.47 6.81 -0.02
CA LYS A 239 -19.46 6.89 1.42
C LYS A 239 -18.99 5.50 1.96
N ASP A 240 -19.47 4.41 1.35
CA ASP A 240 -19.13 3.04 1.77
C ASP A 240 -18.34 2.29 0.66
N PRO A 241 -16.99 2.28 0.74
CA PRO A 241 -16.16 1.51 -0.22
C PRO A 241 -16.47 0.00 -0.37
N SER A 242 -17.13 -0.60 0.59
CA SER A 242 -17.37 -2.03 0.54
C SER A 242 -18.69 -2.34 -0.18
N SER A 243 -19.43 -1.32 -0.59
CA SER A 243 -20.51 -1.46 -1.55
C SER A 243 -19.99 -1.50 -3.02
N VAL A 244 -18.67 -1.44 -3.24
CA VAL A 244 -18.18 -1.56 -4.68
C VAL A 244 -18.15 -3.02 -5.05
N ASP A 245 -18.94 -3.37 -6.06
CA ASP A 245 -19.03 -4.76 -6.41
C ASP A 245 -18.25 -4.87 -7.76
N ILE A 246 -17.09 -5.49 -7.74
CA ILE A 246 -16.28 -5.52 -8.88
C ILE A 246 -16.99 -6.26 -10.09
N LYS A 247 -17.81 -7.28 -9.83
CA LYS A 247 -18.53 -7.99 -10.89
C LYS A 247 -19.52 -7.08 -11.56
N LYS A 248 -20.20 -6.22 -10.78
CA LYS A 248 -21.11 -5.24 -11.37
C LYS A 248 -20.39 -4.19 -12.22
N VAL A 249 -19.29 -3.68 -11.72
CA VAL A 249 -18.44 -2.74 -12.53
C VAL A 249 -17.97 -3.35 -13.75
N LEU A 250 -17.47 -4.59 -13.70
CA LEU A 250 -16.99 -5.24 -14.97
C LEU A 250 -18.19 -5.40 -15.97
N LEU A 251 -19.37 -5.75 -15.45
CA LEU A 251 -20.51 -5.85 -16.36
C LEU A 251 -20.87 -4.53 -16.98
N GLU A 252 -20.74 -3.47 -16.22
CA GLU A 252 -20.93 -2.15 -16.78
C GLU A 252 -19.91 -1.85 -17.89
N MET A 253 -18.65 -2.14 -17.62
CA MET A 253 -17.64 -1.91 -18.65
C MET A 253 -17.86 -2.74 -19.92
N ARG A 254 -18.35 -3.98 -19.74
CA ARG A 254 -18.69 -4.83 -20.87
C ARG A 254 -19.85 -4.34 -21.71
N LYS A 255 -20.53 -3.30 -21.31
CA LYS A 255 -21.56 -2.67 -22.17
C LYS A 255 -20.89 -1.93 -23.30
N PHE A 256 -19.58 -1.62 -23.10
CA PHE A 256 -18.85 -0.77 -24.04
C PHE A 256 -17.85 -1.49 -24.85
N ARG A 257 -17.28 -2.62 -24.40
CA ARG A 257 -16.42 -3.49 -25.17
C ARG A 257 -16.58 -4.84 -24.74
N MET A 258 -16.63 -5.77 -25.69
CA MET A 258 -16.80 -7.20 -25.40
C MET A 258 -15.62 -7.80 -24.74
N GLY A 259 -15.85 -8.76 -23.81
CA GLY A 259 -14.70 -9.63 -23.52
C GLY A 259 -13.78 -9.15 -22.41
N LEU A 260 -14.08 -8.03 -21.76
CA LEU A 260 -13.12 -7.48 -20.90
C LEU A 260 -12.88 -8.45 -19.71
N ILE A 261 -11.64 -8.78 -19.42
CA ILE A 261 -11.19 -9.88 -18.51
C ILE A 261 -11.48 -11.20 -19.19
N GLN A 262 -10.40 -11.84 -19.62
CA GLN A 262 -10.48 -13.00 -20.46
C GLN A 262 -10.37 -14.34 -19.77
N THR A 263 -9.96 -14.37 -18.50
CA THR A 263 -9.78 -15.58 -17.83
C THR A 263 -10.20 -15.38 -16.33
N ALA A 264 -10.43 -16.53 -15.71
CA ALA A 264 -10.68 -16.50 -14.26
C ALA A 264 -9.52 -15.94 -13.46
N ASP A 265 -8.29 -16.28 -13.88
CA ASP A 265 -7.03 -15.78 -13.23
C ASP A 265 -7.00 -14.24 -13.32
N GLN A 266 -7.33 -13.66 -14.51
CA GLN A 266 -7.44 -12.25 -14.60
C GLN A 266 -8.44 -11.59 -13.71
N LEU A 267 -9.57 -12.31 -13.55
CA LEU A 267 -10.59 -11.81 -12.58
C LEU A 267 -10.08 -11.84 -11.14
N ARG A 268 -9.50 -12.93 -10.75
CA ARG A 268 -8.87 -12.98 -9.45
C ARG A 268 -7.82 -11.87 -9.25
N PHE A 269 -6.98 -11.67 -10.26
CA PHE A 269 -5.94 -10.67 -10.14
C PHE A 269 -6.58 -9.27 -9.98
N SER A 270 -7.67 -8.99 -10.71
CA SER A 270 -8.34 -7.72 -10.59
C SER A 270 -8.84 -7.50 -9.16
N TYR A 271 -9.46 -8.51 -8.60
CA TYR A 271 -9.82 -8.44 -7.14
C TYR A 271 -8.63 -8.14 -6.30
N LEU A 272 -7.57 -8.85 -6.54
CA LEU A 272 -6.37 -8.69 -5.66
C LEU A 272 -5.81 -7.25 -5.77
N ALA A 273 -5.84 -6.72 -6.98
CA ALA A 273 -5.32 -5.38 -7.23
C ALA A 273 -6.14 -4.33 -6.57
N VAL A 274 -7.44 -4.52 -6.61
CA VAL A 274 -8.35 -3.55 -6.01
C VAL A 274 -8.26 -3.68 -4.46
N ILE A 275 -8.11 -4.90 -3.95
CA ILE A 275 -7.95 -5.06 -2.49
C ILE A 275 -6.69 -4.36 -1.92
N GLU A 276 -5.62 -4.63 -2.62
CA GLU A 276 -4.32 -4.06 -2.18
C GLU A 276 -4.28 -2.57 -2.48
N GLY A 277 -4.83 -2.15 -3.62
CA GLY A 277 -4.80 -0.69 -3.95
C GLY A 277 -5.68 0.09 -3.02
N ALA A 278 -6.82 -0.46 -2.57
CA ALA A 278 -7.69 0.22 -1.60
C ALA A 278 -6.98 0.43 -0.29
N LYS A 279 -6.23 -0.57 0.14
CA LYS A 279 -5.36 -0.43 1.33
C LYS A 279 -4.42 0.84 1.27
N PHE A 280 -3.89 1.19 0.11
CA PHE A 280 -3.13 2.45 -0.04
C PHE A 280 -3.91 3.73 -0.05
N ILE A 281 -5.03 3.77 -0.72
CA ILE A 281 -5.97 4.86 -0.48
C ILE A 281 -6.69 4.60 0.84
N MET B 1 -5.77 23.84 29.89
CA MET B 1 -5.97 22.62 29.07
C MET B 1 -6.92 21.71 29.89
N GLU B 2 -7.95 21.16 29.25
CA GLU B 2 -8.94 20.40 30.04
C GLU B 2 -8.26 19.18 30.58
N MET B 3 -7.41 18.55 29.79
CA MET B 3 -6.79 17.34 30.24
C MET B 3 -5.94 17.61 31.45
N GLU B 4 -5.34 18.78 31.59
CA GLU B 4 -4.62 19.07 32.73
C GLU B 4 -5.47 19.14 34.04
N LYS B 5 -6.63 19.69 33.84
CA LYS B 5 -7.64 19.77 34.95
C LYS B 5 -8.06 18.33 35.34
N GLU B 6 -8.24 17.45 34.40
CA GLU B 6 -8.54 16.08 34.71
C GLU B 6 -7.45 15.39 35.46
N PHE B 7 -6.22 15.63 34.97
CA PHE B 7 -5.03 14.99 35.61
C PHE B 7 -4.96 15.44 37.08
N GLU B 8 -5.16 16.70 37.28
CA GLU B 8 -5.06 17.24 38.66
C GLU B 8 -6.10 16.62 39.52
N GLN B 9 -7.30 16.46 38.99
CA GLN B 9 -8.38 15.87 39.79
CA GLN B 9 -8.38 15.87 39.84
C GLN B 9 -8.07 14.39 40.15
N ILE B 10 -7.57 13.63 39.19
CA ILE B 10 -7.23 12.21 39.42
C ILE B 10 -6.09 12.13 40.45
N ASP B 11 -5.14 13.00 40.32
CA ASP B 11 -4.04 13.06 41.32
C ASP B 11 -4.52 13.42 42.68
N LYS B 12 -5.31 14.46 42.76
CA LYS B 12 -5.89 14.88 44.08
C LYS B 12 -6.70 13.80 44.71
N SER B 13 -7.50 13.07 43.97
CA SER B 13 -8.28 12.03 44.54
C SER B 13 -7.60 10.72 44.71
N GLY B 14 -6.41 10.54 44.22
CA GLY B 14 -5.67 9.31 44.36
C GLY B 14 -6.34 8.15 43.55
N SER B 15 -6.89 8.48 42.37
CA SER B 15 -7.71 7.49 41.67
CA SER B 15 -7.74 7.57 41.56
C SER B 15 -7.05 6.81 40.50
N TRP B 16 -5.74 7.00 40.33
CA TRP B 16 -5.07 6.34 39.20
C TRP B 16 -5.25 4.79 39.15
N ALA B 17 -5.21 4.17 40.33
CA ALA B 17 -5.37 2.73 40.42
C ALA B 17 -6.77 2.33 40.00
N ALA B 18 -7.72 3.05 40.47
CA ALA B 18 -9.14 2.72 40.16
C ALA B 18 -9.48 2.91 38.66
N ILE B 19 -8.95 3.99 38.10
CA ILE B 19 -9.11 4.24 36.61
C ILE B 19 -8.48 3.19 35.87
N TYR B 20 -7.23 2.78 36.21
CA TYR B 20 -6.54 1.73 35.53
C TYR B 20 -7.30 0.42 35.56
N GLN B 21 -7.83 0.06 36.77
CA GLN B 21 -8.63 -1.16 36.86
C GLN B 21 -9.88 -1.09 36.03
N ASP B 22 -10.47 0.05 35.94
CA ASP B 22 -11.65 0.23 35.01
C ASP B 22 -11.31 -0.07 33.56
N ILE B 23 -10.17 0.45 33.14
CA ILE B 23 -9.64 0.04 31.80
C ILE B 23 -9.49 -1.42 31.64
N ARG B 24 -8.90 -2.15 32.56
CA ARG B 24 -8.70 -3.52 32.44
C ARG B 24 -10.06 -4.21 32.29
N HIS B 25 -11.01 -3.74 33.11
CA HIS B 25 -12.35 -4.39 33.12
CA HIS B 25 -12.37 -4.37 33.09
C HIS B 25 -13.02 -4.17 31.75
N GLU B 26 -12.83 -3.03 31.13
CA GLU B 26 -13.53 -2.68 29.90
C GLU B 26 -12.87 -3.18 28.63
N ALA B 27 -11.60 -3.58 28.76
CA ALA B 27 -10.85 -3.96 27.63
C ALA B 27 -11.41 -5.12 26.80
N SER B 28 -11.19 -5.06 25.51
CA SER B 28 -11.65 -6.03 24.48
C SER B 28 -10.92 -7.38 24.72
N ASP B 29 -11.63 -8.43 24.37
CA ASP B 29 -11.02 -9.71 24.37
C ASP B 29 -11.37 -10.39 23.09
N PHE B 30 -10.39 -10.82 22.36
CA PHE B 30 -10.58 -11.50 21.11
C PHE B 30 -9.68 -12.76 21.07
N PRO B 31 -9.97 -13.68 20.18
CA PRO B 31 -9.15 -14.87 20.23
C PRO B 31 -7.70 -14.68 19.70
N CYS B 32 -6.87 -15.58 20.19
CA CYS B 32 -5.44 -15.67 19.76
C CYS B 32 -5.08 -17.09 19.46
N ARG B 33 -5.90 -17.77 18.67
CA ARG B 33 -5.73 -19.13 18.30
C ARG B 33 -4.39 -19.42 17.58
N VAL B 34 -3.96 -18.61 16.63
CA VAL B 34 -2.74 -18.94 15.92
C VAL B 34 -1.63 -18.81 16.96
N ALA B 35 -1.63 -17.77 17.78
CA ALA B 35 -0.59 -17.72 18.84
C ALA B 35 -0.49 -18.92 19.69
N LYS B 36 -1.56 -19.58 19.96
CA LYS B 36 -1.59 -20.72 20.82
C LYS B 36 -1.37 -22.06 20.17
N LEU B 37 -1.12 -22.12 18.85
CA LEU B 37 -0.83 -23.39 18.23
C LEU B 37 0.44 -23.99 18.88
N PRO B 38 0.52 -25.29 19.00
CA PRO B 38 1.74 -25.90 19.58
C PRO B 38 3.04 -25.56 18.93
N LYS B 39 3.03 -25.49 17.57
CA LYS B 39 4.19 -25.09 16.83
C LYS B 39 4.65 -23.75 17.07
N ASN B 40 3.85 -22.85 17.67
CA ASN B 40 4.24 -21.45 17.97
C ASN B 40 4.65 -21.29 19.45
N LYS B 41 4.83 -22.40 20.16
CA LYS B 41 5.11 -22.16 21.61
C LYS B 41 6.41 -21.48 21.82
N ASN B 42 7.41 -21.94 21.09
CA ASN B 42 8.75 -21.33 21.22
C ASN B 42 8.92 -20.05 20.54
N ARG B 43 7.84 -19.51 19.94
CA ARG B 43 7.86 -18.17 19.42
C ARG B 43 7.28 -17.11 20.25
N ASN B 44 6.76 -17.43 21.48
CA ASN B 44 6.17 -16.50 22.35
C ASN B 44 7.05 -16.38 23.61
N ARG B 45 7.40 -15.18 23.94
CA ARG B 45 8.19 -14.87 25.18
C ARG B 45 7.43 -15.02 26.45
N TYR B 46 6.20 -14.58 26.50
CA TYR B 46 5.27 -14.61 27.71
C TYR B 46 3.95 -15.38 27.30
N ARG B 47 3.59 -16.43 28.06
CA ARG B 47 2.36 -17.18 27.74
C ARG B 47 1.11 -16.27 27.80
N ASP B 48 1.21 -15.24 28.64
CA ASP B 48 -0.02 -14.35 28.85
C ASP B 48 -0.08 -13.07 28.01
N VAL B 49 0.88 -12.91 27.03
CA VAL B 49 0.90 -11.76 26.04
C VAL B 49 0.96 -12.33 24.65
N SER B 50 -0.18 -12.43 24.04
CA SER B 50 -0.33 -12.95 22.65
C SER B 50 -0.95 -11.91 21.75
N PRO B 51 -0.73 -11.96 20.46
CA PRO B 51 -1.41 -11.15 19.52
C PRO B 51 -2.78 -11.74 19.28
N PHE B 52 -3.80 -10.91 19.12
CA PHE B 52 -5.10 -11.34 18.60
C PHE B 52 -4.94 -11.83 17.20
N ASP B 53 -5.72 -12.86 16.80
CA ASP B 53 -5.72 -13.27 15.43
C ASP B 53 -6.11 -12.19 14.45
N HIS B 54 -7.02 -11.34 14.78
CA HIS B 54 -7.47 -10.35 13.82
C HIS B 54 -6.41 -9.35 13.38
N SER B 55 -5.51 -9.04 14.24
CA SER B 55 -4.54 -7.95 14.03
C SER B 55 -3.12 -8.47 13.97
N ARG B 56 -2.88 -9.77 14.01
CA ARG B 56 -1.48 -10.23 14.13
C ARG B 56 -0.76 -9.98 12.77
N ILE B 57 0.54 -9.64 12.84
CA ILE B 57 1.35 -9.58 11.64
C ILE B 57 1.77 -10.95 11.16
N LYS B 58 1.49 -11.21 9.86
CA LYS B 58 1.88 -12.45 9.23
C LYS B 58 3.24 -12.25 8.52
N LEU B 59 4.11 -13.15 8.77
CA LEU B 59 5.33 -13.27 8.02
C LEU B 59 4.98 -13.83 6.57
N HIS B 60 5.73 -13.45 5.58
CA HIS B 60 5.37 -13.87 4.20
C HIS B 60 5.96 -15.13 3.73
N GLN B 61 7.02 -15.62 4.34
CA GLN B 61 7.33 -17.03 4.32
C GLN B 61 6.12 -18.04 4.32
N GLU B 62 6.14 -19.01 3.42
CA GLU B 62 5.15 -20.16 3.43
C GLU B 62 5.32 -21.07 4.66
N ASP B 63 6.53 -21.12 5.25
CA ASP B 63 6.76 -22.19 6.24
C ASP B 63 5.84 -22.11 7.50
N ASN B 64 6.16 -21.09 8.28
CA ASN B 64 5.29 -20.79 9.49
C ASN B 64 5.16 -19.28 9.45
N ASP B 65 3.91 -18.71 9.38
CA ASP B 65 3.77 -17.28 9.26
C ASP B 65 3.73 -16.52 10.57
N TYR B 66 4.01 -17.18 11.69
CA TYR B 66 3.75 -16.57 12.98
C TYR B 66 4.86 -15.76 13.62
N ILE B 67 4.54 -14.57 14.04
CA ILE B 67 5.36 -13.80 14.99
C ILE B 67 4.45 -13.13 16.00
N ASN B 68 4.90 -13.01 17.20
CA ASN B 68 4.19 -12.26 18.19
C ASN B 68 4.29 -10.77 18.06
N ALA B 69 3.44 -10.26 17.24
CA ALA B 69 3.37 -8.90 16.80
C ALA B 69 2.03 -8.56 16.35
N SER B 70 1.57 -7.32 16.59
CA SER B 70 0.21 -6.87 16.31
C SER B 70 0.27 -5.57 15.56
N LEU B 71 -0.60 -5.36 14.59
CA LEU B 71 -0.79 -4.11 13.95
C LEU B 71 -1.78 -3.26 14.65
N ILE B 72 -1.39 -2.17 15.19
CA ILE B 72 -2.28 -1.17 15.77
CA ILE B 72 -2.28 -1.19 15.79
C ILE B 72 -2.59 -0.11 14.74
N LYS B 73 -3.81 -0.01 14.27
CA LYS B 73 -4.16 0.98 13.24
C LYS B 73 -5.10 1.97 13.83
N MET B 74 -4.66 3.22 14.00
CA MET B 74 -5.42 4.28 14.61
C MET B 74 -6.00 5.08 13.46
N GLU B 75 -7.32 4.94 13.25
CA GLU B 75 -7.91 5.40 12.00
C GLU B 75 -8.04 6.90 12.04
N GLU B 76 -8.54 7.42 13.13
CA GLU B 76 -8.72 8.87 13.26
C GLU B 76 -7.38 9.65 13.16
N ALA B 77 -6.39 9.14 13.87
CA ALA B 77 -5.08 9.76 13.89
C ALA B 77 -4.25 9.51 12.73
N GLN B 78 -4.59 8.52 11.90
CA GLN B 78 -3.88 8.16 10.68
C GLN B 78 -2.43 7.73 10.97
N ARG B 79 -2.32 6.88 11.99
CA ARG B 79 -1.00 6.34 12.34
C ARG B 79 -1.12 4.83 12.51
N SER B 80 -0.14 4.05 12.12
CA SER B 80 -0.09 2.65 12.42
C SER B 80 1.19 2.34 13.20
N TYR B 81 1.10 1.34 14.02
CA TYR B 81 2.28 0.88 14.76
C TYR B 81 2.31 -0.67 14.78
N ILE B 82 3.46 -1.28 14.76
CA ILE B 82 3.61 -2.71 15.02
C ILE B 82 4.11 -2.82 16.42
N LEU B 83 3.38 -3.47 17.33
CA LEU B 83 3.85 -3.69 18.68
C LEU B 83 4.25 -5.17 18.77
N THR B 84 5.43 -5.42 19.27
CA THR B 84 5.98 -6.79 19.30
C THR B 84 6.67 -7.03 20.62
N GLN B 85 6.88 -8.30 20.92
CA GLN B 85 7.75 -8.65 21.98
C GLN B 85 9.20 -8.42 21.68
N GLY B 86 9.98 -8.35 22.71
CA GLY B 86 11.41 -8.37 22.49
C GLY B 86 11.84 -9.70 21.87
N PRO B 87 12.53 -9.74 20.76
CA PRO B 87 12.85 -11.02 20.12
C PRO B 87 13.61 -12.01 20.98
N LEU B 88 13.29 -13.28 20.70
CA LEU B 88 13.93 -14.41 21.39
C LEU B 88 15.14 -14.81 20.54
N PRO B 89 16.01 -15.65 21.10
CA PRO B 89 17.15 -16.18 20.28
C PRO B 89 16.81 -16.84 19.01
N ASN B 90 15.66 -17.48 18.95
CA ASN B 90 15.18 -18.06 17.71
C ASN B 90 14.24 -17.31 16.89
N THR B 91 13.89 -16.07 17.30
CA THR B 91 12.93 -15.30 16.48
C THR B 91 13.59 -13.99 15.99
N CYS B 92 14.98 -13.90 16.06
CA CYS B 92 15.58 -12.61 15.56
C CYS B 92 15.48 -12.58 14.04
N GLY B 93 15.66 -13.71 13.37
CA GLY B 93 15.41 -13.71 11.96
C GLY B 93 13.99 -13.37 11.58
N HIS B 94 12.97 -13.86 12.33
CA HIS B 94 11.60 -13.57 12.01
C HIS B 94 11.34 -12.08 12.22
N PHE B 95 11.94 -11.58 13.23
CA PHE B 95 11.75 -10.08 13.52
C PHE B 95 12.26 -9.21 12.37
N TRP B 96 13.50 -9.50 11.90
CA TRP B 96 14.01 -8.73 10.76
C TRP B 96 13.28 -9.02 9.48
N GLU B 97 12.76 -10.27 9.28
CA GLU B 97 11.93 -10.56 8.15
C GLU B 97 10.72 -9.69 8.16
N MET B 98 10.11 -9.59 9.35
CA MET B 98 8.93 -8.66 9.53
C MET B 98 9.22 -7.23 9.21
N VAL B 99 10.37 -6.75 9.71
CA VAL B 99 10.82 -5.37 9.37
C VAL B 99 10.93 -5.19 7.88
N TRP B 100 11.56 -6.15 7.21
CA TRP B 100 11.76 -6.15 5.75
C TRP B 100 10.41 -6.16 5.03
N GLU B 101 9.58 -7.10 5.36
CA GLU B 101 8.29 -7.29 4.64
C GLU B 101 7.32 -6.18 4.83
N GLN B 102 7.35 -5.56 6.03
CA GLN B 102 6.56 -4.41 6.36
C GLN B 102 7.01 -3.10 5.90
N LYS B 103 8.25 -3.07 5.36
CA LYS B 103 8.94 -1.89 4.85
C LYS B 103 9.06 -0.80 5.95
N SER B 104 9.28 -1.21 7.16
CA SER B 104 9.46 -0.34 8.30
C SER B 104 10.84 0.36 8.23
N ARG B 105 10.85 1.61 8.58
CA ARG B 105 12.10 2.40 8.64
C ARG B 105 12.69 2.45 10.06
N GLY B 106 11.82 2.43 11.02
CA GLY B 106 12.23 2.55 12.41
C GLY B 106 11.86 1.42 13.29
N VAL B 107 12.76 1.12 14.21
CA VAL B 107 12.51 0.24 15.33
C VAL B 107 12.74 0.98 16.60
N VAL B 108 11.79 0.89 17.52
CA VAL B 108 11.81 1.62 18.80
C VAL B 108 11.95 0.53 19.87
N MET B 109 12.94 0.67 20.74
CA MET B 109 13.21 -0.24 21.81
C MET B 109 13.17 0.49 23.14
N LEU B 110 12.31 0.05 24.07
CA LEU B 110 12.13 0.79 25.26
C LEU B 110 12.75 0.14 26.57
N ASN B 111 13.50 -0.88 26.42
CA ASN B 111 14.08 -1.67 27.51
C ASN B 111 15.54 -1.85 27.24
N ARG B 112 16.19 -2.44 28.23
CA ARG B 112 17.55 -2.92 28.04
C ARG B 112 17.53 -4.42 27.93
N VAL B 113 18.56 -4.97 27.31
CA VAL B 113 18.51 -6.48 27.08
C VAL B 113 18.52 -7.27 28.43
N MET B 114 19.26 -6.69 29.36
CA MET B 114 19.25 -7.18 30.72
C MET B 114 18.84 -6.07 31.67
N GLU B 115 17.91 -6.38 32.57
CA GLU B 115 17.50 -5.44 33.61
C GLU B 115 17.47 -6.19 34.98
N LYS B 116 18.22 -5.57 35.92
CA LYS B 116 18.62 -6.12 37.26
C LYS B 116 19.38 -7.44 37.14
N GLY B 117 18.70 -8.56 37.10
CA GLY B 117 19.46 -9.77 36.86
C GLY B 117 18.89 -10.54 35.72
N SER B 118 18.04 -9.93 34.90
CA SER B 118 17.07 -10.75 34.19
C SER B 118 17.02 -10.40 32.66
N LEU B 119 17.00 -11.42 31.80
CA LEU B 119 17.03 -11.28 30.32
C LEU B 119 15.69 -10.87 29.85
N LYS B 120 15.60 -9.73 29.18
CA LYS B 120 14.35 -9.20 28.70
C LYS B 120 14.19 -9.34 27.15
N CYS B 121 15.36 -9.42 26.43
CA CYS B 121 15.37 -9.33 24.99
CA CYS B 121 15.32 -9.66 25.02
C CYS B 121 16.66 -9.98 24.48
N ALA B 122 16.67 -10.65 23.32
CA ALA B 122 17.88 -11.15 22.72
C ALA B 122 18.69 -9.93 22.16
N GLN B 123 19.97 -10.08 21.99
CA GLN B 123 20.78 -8.98 21.40
C GLN B 123 20.61 -9.17 19.89
N TYR B 124 19.60 -8.53 19.34
CA TYR B 124 19.13 -8.82 17.98
C TYR B 124 19.78 -7.89 16.91
N TRP B 125 20.60 -6.97 17.34
CA TRP B 125 21.37 -6.04 16.42
C TRP B 125 22.79 -6.08 16.89
N PRO B 126 23.68 -5.70 15.94
CA PRO B 126 25.12 -5.76 16.23
C PRO B 126 25.60 -4.64 17.11
N GLN B 127 26.45 -4.98 18.08
CA GLN B 127 27.01 -3.94 19.01
C GLN B 127 28.28 -3.30 18.37
N LYS B 128 28.83 -3.99 17.41
CA LYS B 128 30.06 -3.46 16.76
C LYS B 128 29.97 -3.44 15.26
N GLU B 129 30.35 -2.32 14.67
CA GLU B 129 30.42 -2.12 13.19
C GLU B 129 31.00 -3.32 12.46
N GLU B 130 32.15 -3.79 12.99
CA GLU B 130 32.92 -4.86 12.35
C GLU B 130 32.41 -6.20 12.58
N LYS B 131 31.34 -6.39 13.36
CA LYS B 131 30.74 -7.75 13.62
C LYS B 131 29.29 -7.69 13.25
N GLU B 132 29.06 -7.80 11.97
CA GLU B 132 27.75 -7.91 11.47
C GLU B 132 27.05 -9.23 11.86
N MET B 133 25.72 -9.24 11.72
CA MET B 133 24.90 -10.44 12.03
CA MET B 133 24.89 -10.44 11.99
C MET B 133 24.32 -11.01 10.74
N ILE B 134 24.27 -12.35 10.63
CA ILE B 134 23.59 -13.01 9.56
C ILE B 134 22.48 -13.90 10.12
N PHE B 135 21.25 -13.71 9.68
CA PHE B 135 20.13 -14.57 10.14
C PHE B 135 19.90 -15.60 9.08
N GLU B 136 20.41 -16.77 9.29
CA GLU B 136 20.44 -17.79 8.21
C GLU B 136 19.11 -18.32 7.82
N ASP B 137 18.17 -18.37 8.77
CA ASP B 137 16.80 -18.87 8.49
C ASP B 137 16.01 -17.94 7.53
N THR B 138 16.16 -16.58 7.67
CA THR B 138 15.42 -15.68 6.79
C THR B 138 16.27 -14.96 5.74
N ASN B 139 17.54 -15.36 5.66
CA ASN B 139 18.53 -14.92 4.69
C ASN B 139 18.68 -13.42 4.72
N LEU B 140 18.94 -12.91 5.91
CA LEU B 140 19.07 -11.45 6.14
C LEU B 140 20.41 -11.16 6.81
N LYS B 141 21.07 -10.09 6.37
CA LYS B 141 22.31 -9.61 6.99
C LYS B 141 22.11 -8.21 7.57
N LEU B 142 22.66 -7.96 8.76
CA LEU B 142 22.42 -6.70 9.45
C LEU B 142 23.77 -6.13 9.98
N THR B 143 24.09 -4.89 9.58
CA THR B 143 25.33 -4.28 9.93
C THR B 143 25.09 -2.97 10.65
N LEU B 144 25.77 -2.71 11.73
CA LEU B 144 25.76 -1.45 12.35
C LEU B 144 26.58 -0.48 11.55
N ILE B 145 26.03 0.61 11.06
CA ILE B 145 26.75 1.62 10.33
C ILE B 145 27.28 2.82 11.24
N SER B 146 26.36 3.39 12.02
CA SER B 146 26.67 4.47 12.89
C SER B 146 25.81 4.46 14.15
N GLU B 147 26.31 5.13 15.21
CA GLU B 147 25.62 5.12 16.49
C GLU B 147 25.73 6.47 17.18
N ASP B 148 24.69 7.14 17.67
CA ASP B 148 24.79 8.38 18.32
C ASP B 148 24.27 8.13 19.78
N ILE B 149 25.21 7.96 20.72
CA ILE B 149 24.80 7.68 22.13
C ILE B 149 24.52 9.09 22.78
N LYS B 150 23.35 9.31 23.32
CA LYS B 150 22.97 10.52 23.94
C LYS B 150 22.72 10.26 25.42
N SER B 151 22.41 11.31 26.17
CA SER B 151 22.27 11.15 27.57
C SER B 151 21.20 10.17 28.01
N TYR B 152 20.09 10.21 27.30
CA TYR B 152 18.93 9.39 27.72
C TYR B 152 18.48 8.34 26.69
N TYR B 153 19.04 8.37 25.47
CA TYR B 153 18.72 7.37 24.48
C TYR B 153 19.80 7.35 23.42
N THR B 154 19.80 6.31 22.64
CA THR B 154 20.76 6.13 21.58
C THR B 154 20.04 5.96 20.23
N VAL B 155 20.60 6.46 19.14
CA VAL B 155 20.02 6.26 17.83
C VAL B 155 21.11 5.57 17.05
N ARG B 156 20.78 4.48 16.44
CA ARG B 156 21.63 3.72 15.52
C ARG B 156 21.21 3.66 14.12
N GLN B 157 22.13 3.72 13.20
CA GLN B 157 21.84 3.51 11.78
C GLN B 157 22.29 2.12 11.42
N LEU B 158 21.43 1.27 10.92
CA LEU B 158 21.72 -0.08 10.56
C LEU B 158 21.48 -0.26 9.06
N GLU B 159 22.15 -1.19 8.44
CA GLU B 159 21.91 -1.67 7.11
C GLU B 159 21.43 -3.09 7.15
N LEU B 160 20.21 -3.28 6.59
CA LEU B 160 19.56 -4.55 6.45
C LEU B 160 19.61 -4.98 5.05
N GLU B 161 20.18 -6.13 4.80
CA GLU B 161 20.33 -6.65 3.42
C GLU B 161 19.56 -7.97 3.29
N ASN B 162 18.75 -8.03 2.22
CA ASN B 162 18.15 -9.28 1.78
C ASN B 162 19.13 -10.03 0.99
N LEU B 163 19.72 -11.05 1.57
CA LEU B 163 20.74 -11.81 0.86
C LEU B 163 20.22 -12.52 -0.43
N THR B 164 18.91 -12.75 -0.55
CA THR B 164 18.34 -13.38 -1.72
C THR B 164 18.44 -12.45 -2.88
N THR B 165 18.23 -11.15 -2.69
CA THR B 165 18.13 -10.17 -3.79
C THR B 165 19.27 -9.23 -3.80
N GLN B 166 20.08 -9.17 -2.73
CA GLN B 166 21.08 -8.15 -2.55
C GLN B 166 20.55 -6.71 -2.40
N GLU B 167 19.20 -6.57 -2.16
CA GLU B 167 18.70 -5.25 -1.93
C GLU B 167 19.16 -4.91 -0.46
N THR B 168 19.40 -3.64 -0.23
CA THR B 168 19.66 -3.13 1.09
C THR B 168 18.72 -2.04 1.44
N ARG B 169 18.51 -1.89 2.73
CA ARG B 169 17.72 -0.80 3.27
C ARG B 169 18.34 -0.26 4.58
N GLU B 170 18.04 1.00 4.81
CA GLU B 170 18.42 1.68 6.02
C GLU B 170 17.39 1.43 7.08
N ILE B 171 17.80 0.98 8.27
CA ILE B 171 16.92 0.95 9.47
C ILE B 171 17.45 1.87 10.53
N LEU B 172 16.63 2.75 11.15
CA LEU B 172 17.00 3.49 12.29
C LEU B 172 16.48 2.82 13.56
N HIS B 173 17.40 2.56 14.49
CA HIS B 173 17.06 1.94 15.77
C HIS B 173 17.08 2.98 16.90
N PHE B 174 15.91 3.28 17.44
CA PHE B 174 15.76 4.27 18.50
C PHE B 174 15.66 3.52 19.82
N HIS B 175 16.69 3.69 20.64
CA HIS B 175 16.79 2.87 21.90
C HIS B 175 16.74 3.73 23.12
N TYR B 176 15.62 3.78 23.78
CA TYR B 176 15.49 4.53 25.01
C TYR B 176 16.14 3.69 26.12
N THR B 177 17.29 4.19 26.60
CA THR B 177 18.18 3.41 27.40
C THR B 177 18.13 3.63 28.86
N THR B 178 17.30 4.56 29.28
CA THR B 178 17.30 5.03 30.62
C THR B 178 15.93 4.91 31.36
N TRP B 179 15.07 4.03 30.89
CA TRP B 179 13.81 3.85 31.67
C TRP B 179 14.22 3.16 32.96
N PRO B 180 13.76 3.63 34.08
CA PRO B 180 14.17 3.05 35.34
C PRO B 180 13.85 1.62 35.51
N ASP B 181 14.72 0.97 36.33
CA ASP B 181 14.48 -0.43 36.56
C ASP B 181 13.16 -0.69 37.30
N PHE B 182 12.73 0.25 38.12
CA PHE B 182 11.46 0.12 38.77
C PHE B 182 10.65 1.40 38.48
N GLY B 183 9.41 1.22 38.11
CA GLY B 183 8.59 2.41 37.90
C GLY B 183 8.76 3.06 36.57
N VAL B 184 8.30 4.32 36.57
CA VAL B 184 8.34 5.18 35.31
C VAL B 184 9.27 6.30 35.46
N PRO B 185 9.77 6.92 34.40
CA PRO B 185 10.58 8.12 34.52
C PRO B 185 9.85 9.23 35.33
N GLU B 186 10.63 9.95 36.12
CA GLU B 186 10.05 11.06 36.89
C GLU B 186 9.45 12.19 36.05
N SER B 187 10.11 12.52 34.97
CA SER B 187 9.64 13.57 34.00
C SER B 187 9.52 12.97 32.64
N PRO B 188 8.54 13.31 31.85
CA PRO B 188 8.45 12.87 30.49
C PRO B 188 9.34 13.56 29.48
N ALA B 189 10.16 14.51 29.89
CA ALA B 189 10.90 15.35 28.92
C ALA B 189 11.75 14.47 28.02
N SER B 190 12.53 13.53 28.55
CA SER B 190 13.39 12.74 27.68
CA SER B 190 13.40 12.73 27.70
C SER B 190 12.62 11.82 26.71
N PHE B 191 11.50 11.22 27.22
CA PHE B 191 10.66 10.44 26.41
C PHE B 191 10.05 11.17 25.27
N LEU B 192 9.62 12.42 25.54
CA LEU B 192 9.11 13.27 24.52
C LEU B 192 10.18 13.63 23.48
N ASN B 193 11.36 14.00 23.97
CA ASN B 193 12.49 14.30 23.03
C ASN B 193 12.73 13.05 22.15
N PHE B 194 12.70 11.87 22.77
CA PHE B 194 12.84 10.59 21.99
C PHE B 194 11.79 10.44 20.91
N LEU B 195 10.50 10.63 21.36
CA LEU B 195 9.40 10.60 20.40
C LEU B 195 9.54 11.56 19.23
N PHE B 196 9.95 12.76 19.57
CA PHE B 196 10.12 13.74 18.52
C PHE B 196 11.29 13.32 17.53
N LYS B 197 12.33 12.69 18.04
CA LYS B 197 13.35 12.17 17.11
C LYS B 197 12.86 11.10 16.18
N VAL B 198 12.04 10.18 16.70
CA VAL B 198 11.46 9.20 15.84
C VAL B 198 10.58 9.84 14.80
N ARG B 199 9.75 10.82 15.19
CA ARG B 199 8.90 11.50 14.25
C ARG B 199 9.77 12.21 13.14
N GLU B 200 10.76 12.88 13.56
CA GLU B 200 11.47 13.65 12.57
CA GLU B 200 11.78 13.70 12.74
C GLU B 200 12.24 12.79 11.57
N SER B 201 12.59 11.58 11.95
CA SER B 201 13.24 10.67 11.01
C SER B 201 12.37 10.16 9.88
N GLY B 202 11.06 10.37 9.95
CA GLY B 202 10.10 9.81 9.04
C GLY B 202 9.63 8.45 9.34
N SER B 203 10.11 7.87 10.44
CA SER B 203 9.79 6.49 10.75
C SER B 203 8.31 6.26 11.07
N LEU B 204 7.55 7.32 11.37
CA LEU B 204 6.13 7.19 11.73
C LEU B 204 5.28 7.62 10.55
N SER B 205 5.88 8.01 9.48
CA SER B 205 5.12 8.64 8.35
C SER B 205 4.53 7.61 7.45
N PRO B 206 3.39 7.94 6.76
CA PRO B 206 2.74 7.00 5.94
C PRO B 206 3.51 6.52 4.73
N GLU B 207 4.51 7.20 4.30
CA GLU B 207 5.32 6.63 3.18
C GLU B 207 6.17 5.41 3.56
N HIS B 208 6.37 5.12 4.86
CA HIS B 208 7.01 3.86 5.23
C HIS B 208 6.06 2.93 5.86
N GLY B 209 6.42 1.68 6.07
CA GLY B 209 5.70 0.81 6.86
C GLY B 209 5.65 1.22 8.32
N PRO B 210 4.83 0.57 9.10
CA PRO B 210 4.72 1.00 10.48
C PRO B 210 5.96 0.79 11.27
N VAL B 211 6.18 1.67 12.15
CA VAL B 211 7.33 1.57 13.08
C VAL B 211 7.12 0.34 13.93
N VAL B 212 8.17 -0.40 14.28
CA VAL B 212 8.15 -1.51 15.07
C VAL B 212 8.56 -1.16 16.48
N VAL B 213 7.70 -1.37 17.48
CA VAL B 213 7.96 -0.87 18.81
C VAL B 213 7.97 -2.11 19.73
N HIS B 214 8.93 -2.21 20.69
CA HIS B 214 8.95 -3.21 21.62
C HIS B 214 9.56 -2.78 22.93
N CYS B 215 9.24 -3.59 23.95
CA CYS B 215 9.86 -3.55 25.23
CA CYS B 215 9.87 -3.54 25.23
C CYS B 215 10.13 -5.00 25.55
N SER B 216 9.81 -5.46 26.67
CA SER B 216 10.05 -6.96 26.78
CA SER B 216 9.90 -6.86 26.99
C SER B 216 8.76 -7.66 26.23
N ALA B 217 7.57 -7.37 26.78
CA ALA B 217 6.34 -7.98 26.27
C ALA B 217 5.65 -7.24 25.09
N GLY B 218 6.02 -5.96 24.87
CA GLY B 218 5.43 -5.12 23.75
C GLY B 218 4.02 -4.69 24.14
N ILE B 219 3.84 -4.44 25.45
CA ILE B 219 2.49 -3.88 25.81
C ILE B 219 2.61 -2.71 26.84
N GLY B 220 3.57 -2.67 27.78
CA GLY B 220 3.56 -1.61 28.80
C GLY B 220 4.24 -0.32 28.41
N ARG B 221 5.54 -0.32 28.47
CA ARG B 221 6.31 0.78 27.99
C ARG B 221 5.90 1.02 26.56
N SER B 222 5.72 -0.05 25.74
CA SER B 222 5.42 0.13 24.39
C SER B 222 4.12 0.90 24.20
N GLY B 223 3.13 0.53 24.98
CA GLY B 223 1.88 1.17 24.97
C GLY B 223 1.94 2.67 25.30
N THR B 224 2.83 3.07 26.22
CA THR B 224 3.01 4.52 26.53
C THR B 224 3.43 5.27 25.28
N PHE B 225 4.36 4.67 24.51
CA PHE B 225 4.88 5.36 23.35
C PHE B 225 3.79 5.61 22.29
N CYS B 226 3.05 4.53 21.96
CA CYS B 226 2.00 4.63 20.94
CA CYS B 226 2.01 4.65 20.92
C CYS B 226 0.84 5.52 21.46
N LEU B 227 0.49 5.40 22.74
CA LEU B 227 -0.60 6.14 23.34
C LEU B 227 -0.34 7.67 23.33
N ALA B 228 0.91 8.00 23.74
CA ALA B 228 1.32 9.44 23.77
C ALA B 228 1.35 10.02 22.35
N ASP B 229 1.93 9.27 21.40
CA ASP B 229 2.01 9.73 20.01
C ASP B 229 0.58 9.98 19.41
N THR B 230 -0.28 8.97 19.59
CA THR B 230 -1.62 9.08 19.02
C THR B 230 -2.35 10.25 19.68
N CYS B 231 -2.30 10.40 21.01
CA CYS B 231 -3.09 11.42 21.60
C CYS B 231 -2.62 12.82 21.15
N LEU B 232 -1.30 12.97 21.06
CA LEU B 232 -0.77 14.26 20.54
C LEU B 232 -1.20 14.54 19.11
N LEU B 233 -1.26 13.52 18.31
CA LEU B 233 -1.78 13.70 16.97
C LEU B 233 -3.21 14.09 16.99
N LEU B 234 -4.04 13.50 17.84
CA LEU B 234 -5.45 13.78 17.83
C LEU B 234 -5.63 15.24 18.24
N MET B 235 -4.87 15.71 19.21
CA MET B 235 -4.89 17.13 19.58
C MET B 235 -4.58 18.07 18.50
N ASP B 236 -3.60 17.78 17.70
CA ASP B 236 -3.24 18.68 16.60
C ASP B 236 -4.25 18.65 15.46
N LYS B 237 -4.90 17.51 15.23
CA LYS B 237 -5.81 17.38 14.15
C LYS B 237 -7.18 17.89 14.53
N ARG B 238 -7.66 17.71 15.75
CA ARG B 238 -9.06 17.85 16.05
C ARG B 238 -9.49 19.33 16.19
N LYS B 239 -10.73 19.63 15.76
CA LYS B 239 -11.26 20.98 15.84
C LYS B 239 -11.27 21.39 17.34
N ASP B 240 -11.66 20.45 18.22
CA ASP B 240 -11.68 20.66 19.68
C ASP B 240 -10.66 19.71 20.40
N PRO B 241 -9.45 20.24 20.70
CA PRO B 241 -8.39 19.36 21.33
C PRO B 241 -8.77 18.79 22.73
N SER B 242 -9.79 19.35 23.37
CA SER B 242 -10.13 18.99 24.67
C SER B 242 -11.18 17.87 24.69
N SER B 243 -11.62 17.43 23.51
CA SER B 243 -12.36 16.17 23.35
C SER B 243 -11.39 14.97 23.32
N VAL B 244 -10.07 15.17 23.46
CA VAL B 244 -9.22 13.97 23.63
C VAL B 244 -9.34 13.34 25.01
N ASP B 245 -9.83 12.11 25.07
CA ASP B 245 -9.98 11.39 26.31
C ASP B 245 -8.94 10.24 26.19
N ILE B 246 -7.90 10.30 26.97
CA ILE B 246 -6.88 9.28 26.89
C ILE B 246 -7.35 7.88 27.15
N LYS B 247 -8.26 7.74 28.12
CA LYS B 247 -8.82 6.40 28.45
C LYS B 247 -9.51 5.83 27.29
N LYS B 248 -10.25 6.63 26.55
CA LYS B 248 -10.92 6.12 25.34
C LYS B 248 -9.98 5.70 24.22
N VAL B 249 -8.91 6.50 23.99
CA VAL B 249 -7.87 6.21 23.03
C VAL B 249 -7.19 4.90 23.40
N LEU B 250 -6.85 4.69 24.70
CA LEU B 250 -6.25 3.48 25.11
C LEU B 250 -7.13 2.23 24.87
N LEU B 251 -8.40 2.42 25.18
CA LEU B 251 -9.38 1.29 24.92
C LEU B 251 -9.41 1.00 23.46
N GLU B 252 -9.35 2.02 22.59
CA GLU B 252 -9.30 1.74 21.18
C GLU B 252 -8.08 0.99 20.78
N MET B 253 -6.91 1.38 21.36
CA MET B 253 -5.66 0.70 21.05
CA MET B 253 -5.64 0.71 21.00
C MET B 253 -5.68 -0.78 21.50
N ARG B 254 -6.30 -1.02 22.65
CA ARG B 254 -6.41 -2.34 23.20
C ARG B 254 -7.31 -3.28 22.33
N LYS B 255 -8.06 -2.73 21.35
CA LYS B 255 -8.79 -3.61 20.43
C LYS B 255 -7.81 -4.37 19.55
N PHE B 256 -6.57 -3.86 19.48
CA PHE B 256 -5.60 -4.41 18.55
C PHE B 256 -4.48 -5.20 19.19
N ARG B 257 -4.15 -4.96 20.46
CA ARG B 257 -3.23 -5.84 21.25
C ARG B 257 -3.61 -5.70 22.68
N MET B 258 -3.62 -6.81 23.35
CA MET B 258 -3.98 -6.91 24.76
C MET B 258 -2.97 -6.24 25.67
N GLY B 259 -3.52 -5.67 26.77
CA GLY B 259 -2.61 -5.34 27.84
C GLY B 259 -1.80 -4.04 27.77
N LEU B 260 -2.08 -3.22 26.77
CA LEU B 260 -1.30 -2.03 26.60
C LEU B 260 -1.52 -1.08 27.78
N ILE B 261 -0.39 -0.68 28.40
CA ILE B 261 -0.32 0.00 29.64
C ILE B 261 -0.57 -1.01 30.75
N GLN B 262 0.47 -1.31 31.49
CA GLN B 262 0.46 -2.45 32.44
C GLN B 262 0.30 -1.98 33.87
N THR B 263 0.42 -0.68 34.21
CA THR B 263 0.33 -0.23 35.55
C THR B 263 -0.33 1.14 35.65
N ALA B 264 -0.88 1.48 36.76
CA ALA B 264 -1.36 2.84 37.05
C ALA B 264 -0.33 3.91 36.86
N ASP B 265 0.94 3.60 37.23
CA ASP B 265 1.99 4.59 37.07
C ASP B 265 2.26 4.83 35.55
N GLN B 266 2.24 3.82 34.74
CA GLN B 266 2.39 4.00 33.26
C GLN B 266 1.21 4.81 32.70
N LEU B 267 0.02 4.62 33.27
CA LEU B 267 -1.11 5.42 32.83
C LEU B 267 -0.91 6.91 33.20
N ARG B 268 -0.48 7.20 34.44
CA ARG B 268 -0.22 8.53 34.80
C ARG B 268 0.88 9.14 33.94
N PHE B 269 1.93 8.37 33.68
CA PHE B 269 3.03 8.89 32.91
C PHE B 269 2.56 9.26 31.48
N SER B 270 1.69 8.40 30.94
CA SER B 270 1.16 8.70 29.59
C SER B 270 0.39 10.02 29.56
N TYR B 271 -0.43 10.24 30.55
CA TYR B 271 -1.13 11.53 30.70
C TYR B 271 -0.15 12.66 30.77
N LEU B 272 0.87 12.50 31.61
CA LEU B 272 1.84 13.60 31.76
C LEU B 272 2.62 13.88 30.51
N ALA B 273 3.01 12.83 29.79
CA ALA B 273 3.71 13.00 28.53
C ALA B 273 2.84 13.79 27.49
N VAL B 274 1.56 13.41 27.43
CA VAL B 274 0.62 14.10 26.49
C VAL B 274 0.45 15.53 26.89
N ILE B 275 0.29 15.80 28.22
CA ILE B 275 0.14 17.18 28.65
C ILE B 275 1.32 18.07 28.37
N GLU B 276 2.50 17.60 28.73
CA GLU B 276 3.74 18.36 28.54
C GLU B 276 4.04 18.45 27.02
N GLY B 277 3.83 17.42 26.29
CA GLY B 277 4.03 17.47 24.81
C GLY B 277 3.14 18.49 24.14
N ALA B 278 1.84 18.52 24.52
CA ALA B 278 0.89 19.45 23.95
C ALA B 278 1.23 20.87 24.33
N LYS B 279 1.69 21.11 25.55
CA LYS B 279 2.13 22.45 25.93
C LYS B 279 3.21 23.01 25.03
N PHE B 280 4.12 22.16 24.63
CA PHE B 280 5.22 22.57 23.76
C PHE B 280 4.74 22.72 22.26
N ILE B 281 4.04 21.74 21.79
CA ILE B 281 3.69 21.64 20.30
CA ILE B 281 3.82 21.70 20.32
C ILE B 281 2.61 22.58 19.96
N MET B 282 1.66 22.79 20.88
CA MET B 282 0.49 23.61 20.59
C MET B 282 0.55 24.92 21.34
N GLY B 283 0.98 24.97 22.60
CA GLY B 283 1.03 26.16 23.34
C GLY B 283 0.60 25.90 24.79
N ASP B 284 1.26 26.60 25.68
CA ASP B 284 0.99 26.41 27.13
C ASP B 284 -0.13 27.44 27.52
N SER B 285 -1.33 26.86 27.81
CA SER B 285 -2.54 27.66 27.99
C SER B 285 -2.44 28.42 29.33
N SER B 286 -1.59 27.96 30.29
CA SER B 286 -1.31 28.77 31.48
C SER B 286 -0.89 30.26 31.10
N VAL B 287 -0.09 30.43 30.03
CA VAL B 287 0.56 31.75 29.67
C VAL B 287 -0.17 32.80 28.70
#